data_4EPQ
#
_entry.id   4EPQ
#
_cell.length_a   80.680
_cell.length_b   80.680
_cell.length_c   89.420
_cell.angle_alpha   90.000
_cell.angle_beta   90.000
_cell.angle_gamma   90.000
#
_symmetry.space_group_name_H-M   'P 41'
#
loop_
_entity.id
_entity.type
_entity.pdbx_description
1 polymer 'Poly(ADP-ribose) glycohydrolase'
2 non-polymer '3-{(5Z)-5-[5-chloro-1-(2,6-dichlorobenzyl)-2-oxo-1,2-dihydro-3H-indol-3-ylidene]-4-oxo-2-thioxo-1,3-thiazolidin-3-yl}propanoic acid'
3 water water
#
_entity_poly.entity_id   1
_entity_poly.type   'polypeptide(L)'
_entity_poly.pdbx_seq_one_letter_code
;MGSSHHHHHHSSGLVPRGSHMIEAEKQENKKIQDYQFPLPQKNSELWIIQKKTLQDLSSGKQKLDSFQSLESILEILRDS
KNQNDEKYFNLKAVFEQLDKEEQTYFLEQFIPKICQLVLKIKKKQLKNQIPKESKIYEAAFSREEISYYVSCMFLCILKD
QDRKIYKDFRLIYLKDLVQQINIRRQEKIKCFYEYLKQALDFSEKESKEVVIFQRINCGQLEDYENWVDKLKAIKLKNVQ
LTDDKLIEDFPGTLQVDFANCDIGGGILGNGLVQEEIRFCVCPEMLVSLLVFDQSMEANEVIIMKGIKQYSDYQGYSNSF
RFVKMGNSKIQKQKRTNPQTILAIDALCFNSSDNQFSEVNVSRELNKSYMGFKQEDQLKTISTGKWGCGAFLGVFDLKFA
IQWIASSRSNKKMIICTFQDEQTTKQIQQVFDLYKQKNASIFLKLVMDYPNSKYMEDYTLLEYLIELGKEKATSKNS
;
_entity_poly.pdbx_strand_id   A
#
loop_
_chem_comp.id
_chem_comp.type
_chem_comp.name
_chem_comp.formula
0RR non-polymer '3-{(5Z)-5-[5-chloro-1-(2,6-dichlorobenzyl)-2-oxo-1,2-dihydro-3H-indol-3-ylidene]-4-oxo-2-thioxo-1,3-thiazolidin-3-yl}propanoic acid' 'C21 H13 Cl3 N2 O4 S2'
#
# COMPACT_ATOMS: atom_id res chain seq x y z
N ASP A 34 -2.62 -20.47 14.01
CA ASP A 34 -1.65 -19.41 13.75
C ASP A 34 -0.70 -19.80 12.61
N TYR A 35 -0.91 -19.22 11.43
CA TYR A 35 -0.13 -19.54 10.24
C TYR A 35 1.26 -18.90 10.20
N GLN A 36 2.24 -19.64 9.69
CA GLN A 36 3.63 -19.18 9.65
C GLN A 36 4.14 -19.23 8.21
N PHE A 37 4.51 -18.08 7.66
CA PHE A 37 5.02 -18.07 6.29
C PHE A 37 6.46 -18.57 6.20
N PRO A 38 6.65 -19.68 5.45
CA PRO A 38 7.93 -20.37 5.31
C PRO A 38 9.02 -19.53 4.65
N LEU A 39 10.04 -19.19 5.44
CA LEU A 39 11.27 -18.66 4.89
C LEU A 39 12.08 -19.80 4.27
N PRO A 40 13.06 -19.46 3.42
CA PRO A 40 13.85 -20.45 2.68
C PRO A 40 14.45 -21.56 3.57
N GLN A 41 14.91 -21.21 4.77
CA GLN A 41 15.52 -22.21 5.65
C GLN A 41 14.56 -23.30 6.10
N LYS A 42 13.28 -23.00 6.15
CA LYS A 42 12.28 -24.02 6.48
C LYS A 42 12.53 -25.27 5.65
N ASN A 43 12.83 -25.08 4.38
CA ASN A 43 13.17 -26.20 3.51
C ASN A 43 14.68 -26.41 3.47
N SER A 44 15.21 -27.04 4.51
CA SER A 44 16.66 -27.21 4.68
C SER A 44 17.30 -27.97 3.51
N GLU A 45 16.57 -28.91 2.92
CA GLU A 45 17.04 -29.67 1.77
C GLU A 45 17.43 -28.71 0.65
N LEU A 46 16.44 -27.96 0.18
CA LEU A 46 16.68 -26.95 -0.84
C LEU A 46 17.57 -25.85 -0.30
N TRP A 47 17.47 -25.57 1.00
CA TRP A 47 18.29 -24.53 1.60
C TRP A 47 19.79 -24.83 1.45
N ILE A 48 20.15 -26.11 1.48
CA ILE A 48 21.53 -26.53 1.20
C ILE A 48 22.01 -25.97 -0.12
N ILE A 49 21.29 -26.28 -1.19
CA ILE A 49 21.63 -25.81 -2.51
C ILE A 49 21.65 -24.29 -2.58
N GLN A 50 20.57 -23.69 -2.09
CA GLN A 50 20.41 -22.24 -2.13
C GLN A 50 21.60 -21.57 -1.45
N LYS A 51 21.82 -21.93 -0.18
CA LYS A 51 22.92 -21.38 0.61
C LYS A 51 24.23 -21.49 -0.15
N LYS A 52 24.47 -22.68 -0.71
CA LYS A 52 25.67 -22.94 -1.48
C LYS A 52 25.84 -21.84 -2.50
N THR A 53 24.81 -21.66 -3.33
CA THR A 53 24.82 -20.71 -4.43
C THR A 53 24.93 -19.25 -3.99
N LEU A 54 24.32 -18.93 -2.85
CA LEU A 54 24.36 -17.57 -2.33
C LEU A 54 25.77 -17.16 -1.94
N GLN A 55 26.38 -17.90 -1.01
CA GLN A 55 27.74 -17.57 -0.60
C GLN A 55 28.69 -17.72 -1.78
N ASP A 56 28.38 -18.66 -2.68
CA ASP A 56 29.11 -18.78 -3.94
C ASP A 56 29.22 -17.41 -4.65
N LEU A 57 28.11 -16.69 -4.74
CA LEU A 57 28.10 -15.37 -5.37
C LEU A 57 28.57 -14.28 -4.41
N SER A 58 28.17 -14.43 -3.14
CA SER A 58 28.52 -13.44 -2.13
C SER A 58 30.03 -13.23 -2.09
N SER A 59 30.76 -14.33 -2.18
CA SER A 59 32.22 -14.30 -2.03
C SER A 59 32.94 -13.79 -3.27
N GLY A 60 32.39 -14.10 -4.44
CA GLY A 60 33.06 -13.82 -5.69
C GLY A 60 33.56 -15.10 -6.31
N LYS A 61 33.30 -16.21 -5.60
CA LYS A 61 33.61 -17.55 -6.10
C LYS A 61 33.01 -17.74 -7.47
N GLN A 62 31.69 -17.73 -7.54
CA GLN A 62 31.00 -17.73 -8.83
C GLN A 62 30.85 -16.30 -9.28
N LYS A 63 31.26 -16.04 -10.52
CA LYS A 63 31.13 -14.71 -11.10
C LYS A 63 30.15 -14.77 -12.27
N LEU A 64 29.25 -13.79 -12.33
CA LEU A 64 28.28 -13.72 -13.42
C LEU A 64 28.85 -12.92 -14.57
N ASP A 65 28.89 -13.54 -15.74
CA ASP A 65 29.42 -12.89 -16.93
C ASP A 65 28.29 -12.28 -17.75
N SER A 66 27.14 -12.94 -17.72
CA SER A 66 25.98 -12.52 -18.50
C SER A 66 24.72 -12.56 -17.66
N PHE A 67 23.66 -11.95 -18.20
CA PHE A 67 22.34 -12.03 -17.61
C PHE A 67 21.83 -13.47 -17.70
N GLN A 68 22.23 -14.16 -18.76
CA GLN A 68 21.96 -15.58 -18.91
C GLN A 68 22.45 -16.36 -17.68
N SER A 69 23.59 -15.95 -17.13
CA SER A 69 24.14 -16.57 -15.94
C SER A 69 23.17 -16.39 -14.78
N LEU A 70 22.76 -15.14 -14.56
CA LEU A 70 21.78 -14.82 -13.54
C LEU A 70 20.56 -15.73 -13.63
N GLU A 71 20.00 -15.86 -14.83
CA GLU A 71 18.80 -16.68 -15.06
C GLU A 71 18.91 -18.11 -14.54
N SER A 72 20.07 -18.72 -14.74
CA SER A 72 20.29 -20.08 -14.25
C SER A 72 20.46 -20.09 -12.74
N ILE A 73 21.01 -19.00 -12.22
CA ILE A 73 21.10 -18.82 -10.78
C ILE A 73 19.72 -18.94 -10.18
N LEU A 74 18.77 -18.22 -10.80
CA LEU A 74 17.43 -18.10 -10.26
C LEU A 74 16.70 -19.41 -10.39
N GLU A 75 16.80 -20.02 -11.57
CA GLU A 75 16.23 -21.34 -11.81
C GLU A 75 16.68 -22.32 -10.76
N ILE A 76 17.92 -22.16 -10.29
CA ILE A 76 18.42 -23.04 -9.26
C ILE A 76 17.72 -22.71 -7.95
N LEU A 77 17.72 -21.42 -7.61
CA LEU A 77 17.11 -20.95 -6.36
C LEU A 77 15.61 -21.20 -6.29
N ARG A 78 14.96 -21.23 -7.45
CA ARG A 78 13.55 -21.57 -7.52
C ARG A 78 13.40 -23.09 -7.60
N ASP A 79 14.52 -23.80 -7.73
CA ASP A 79 14.49 -25.23 -7.93
C ASP A 79 13.52 -25.56 -9.06
N SER A 80 13.82 -25.06 -10.25
CA SER A 80 12.90 -25.25 -11.35
C SER A 80 13.54 -26.03 -12.50
N LYS A 81 12.96 -27.17 -12.82
CA LYS A 81 13.27 -27.85 -14.06
C LYS A 81 12.42 -27.14 -15.11
N ASN A 82 12.87 -27.17 -16.36
CA ASN A 82 12.21 -26.52 -17.49
C ASN A 82 13.00 -25.35 -18.07
N GLN A 83 12.52 -24.14 -17.80
CA GLN A 83 13.20 -22.91 -18.24
C GLN A 83 12.98 -22.48 -19.69
N ASN A 84 12.27 -21.36 -19.85
CA ASN A 84 12.22 -20.62 -21.11
C ASN A 84 12.54 -19.15 -20.84
N ASP A 85 12.76 -18.38 -21.91
CA ASP A 85 13.29 -17.03 -21.75
C ASP A 85 12.32 -16.01 -21.15
N GLU A 86 11.03 -16.22 -21.43
CA GLU A 86 9.98 -15.33 -20.95
C GLU A 86 9.85 -15.24 -19.41
N LYS A 87 10.29 -16.28 -18.73
CA LYS A 87 10.24 -16.31 -17.28
C LYS A 87 10.83 -15.03 -16.67
N TYR A 88 11.87 -14.48 -17.31
CA TYR A 88 12.60 -13.34 -16.78
C TYR A 88 12.64 -12.16 -17.75
N PHE A 89 11.75 -12.21 -18.74
CA PHE A 89 11.68 -11.20 -19.78
C PHE A 89 11.66 -9.75 -19.25
N ASN A 90 10.96 -9.51 -18.15
CA ASN A 90 10.80 -8.15 -17.64
C ASN A 90 11.99 -7.67 -16.82
N LEU A 91 12.62 -8.60 -16.12
CA LEU A 91 13.84 -8.34 -15.40
C LEU A 91 14.93 -7.98 -16.40
N LYS A 92 15.05 -8.83 -17.42
CA LYS A 92 15.99 -8.63 -18.51
C LYS A 92 15.82 -7.25 -19.12
N ALA A 93 14.56 -6.88 -19.37
CA ALA A 93 14.27 -5.61 -20.01
C ALA A 93 14.79 -4.44 -19.16
N VAL A 94 14.56 -4.50 -17.85
CA VAL A 94 15.12 -3.49 -16.96
C VAL A 94 16.66 -3.50 -17.03
N PHE A 95 17.26 -4.69 -16.92
CA PHE A 95 18.71 -4.85 -17.01
C PHE A 95 19.29 -4.15 -18.22
N GLU A 96 18.66 -4.37 -19.37
CA GLU A 96 19.16 -3.86 -20.63
C GLU A 96 18.96 -2.36 -20.83
N GLN A 97 18.22 -1.71 -19.94
CA GLN A 97 18.04 -0.27 -20.04
C GLN A 97 19.13 0.46 -19.28
N LEU A 98 19.87 -0.29 -18.45
CA LEU A 98 21.01 0.20 -17.71
C LEU A 98 22.19 0.48 -18.63
N ASP A 99 23.07 1.40 -18.23
CA ASP A 99 24.28 1.66 -19.02
C ASP A 99 25.29 0.55 -18.77
N LYS A 100 26.24 0.38 -19.69
CA LYS A 100 27.17 -0.74 -19.63
C LYS A 100 27.86 -0.83 -18.27
N GLU A 101 28.11 0.33 -17.67
CA GLU A 101 28.76 0.41 -16.38
C GLU A 101 27.89 -0.20 -15.31
N GLU A 102 26.60 0.16 -15.30
CA GLU A 102 25.70 -0.34 -14.28
C GLU A 102 25.29 -1.80 -14.52
N GLN A 103 25.23 -2.22 -15.78
CA GLN A 103 24.98 -3.63 -16.07
C GLN A 103 26.09 -4.46 -15.42
N THR A 104 27.34 -4.01 -15.59
CA THR A 104 28.48 -4.63 -14.95
C THR A 104 28.30 -4.66 -13.44
N TYR A 105 27.98 -3.49 -12.87
CA TYR A 105 27.77 -3.35 -11.44
C TYR A 105 26.71 -4.33 -10.93
N PHE A 106 25.61 -4.38 -11.69
CA PHE A 106 24.46 -5.19 -11.32
C PHE A 106 24.85 -6.68 -11.18
N LEU A 107 25.51 -7.21 -12.19
CA LEU A 107 25.92 -8.63 -12.20
C LEU A 107 27.10 -8.96 -11.27
N GLU A 108 28.08 -8.08 -11.20
CA GLU A 108 29.26 -8.35 -10.39
C GLU A 108 29.11 -7.93 -8.93
N GLN A 109 28.39 -6.84 -8.69
CA GLN A 109 28.32 -6.31 -7.34
C GLN A 109 26.97 -6.50 -6.68
N PHE A 110 25.92 -5.99 -7.32
CA PHE A 110 24.61 -5.90 -6.70
C PHE A 110 24.00 -7.26 -6.31
N ILE A 111 23.96 -8.18 -7.26
CA ILE A 111 23.40 -9.50 -6.98
C ILE A 111 24.14 -10.18 -5.82
N PRO A 112 25.48 -10.28 -5.92
CA PRO A 112 26.25 -10.90 -4.83
C PRO A 112 25.93 -10.26 -3.48
N LYS A 113 25.91 -8.94 -3.45
CA LYS A 113 25.63 -8.21 -2.21
C LYS A 113 24.25 -8.54 -1.62
N ILE A 114 23.24 -8.70 -2.47
CA ILE A 114 21.91 -9.06 -1.97
C ILE A 114 21.79 -10.54 -1.58
N CYS A 115 22.62 -11.40 -2.18
CA CYS A 115 22.75 -12.78 -1.72
C CYS A 115 23.27 -12.78 -0.30
N GLN A 116 24.21 -11.88 -0.03
CA GLN A 116 24.72 -11.69 1.31
C GLN A 116 23.61 -11.30 2.28
N LEU A 117 22.67 -10.46 1.82
CA LEU A 117 21.57 -10.02 2.67
C LEU A 117 20.64 -11.16 3.02
N VAL A 118 20.43 -12.06 2.07
CA VAL A 118 19.67 -13.25 2.31
C VAL A 118 20.38 -14.14 3.33
N LEU A 119 21.71 -14.17 3.25
CA LEU A 119 22.49 -15.03 4.14
C LEU A 119 22.44 -14.54 5.59
N LYS A 120 22.15 -13.25 5.78
CA LYS A 120 22.05 -12.67 7.12
C LYS A 120 20.77 -13.08 7.83
N ILE A 121 19.85 -13.70 7.11
CA ILE A 121 18.57 -14.11 7.68
C ILE A 121 18.73 -15.20 8.72
N LYS A 122 18.11 -15.00 9.88
CA LYS A 122 18.18 -15.96 10.97
C LYS A 122 16.83 -16.67 11.18
N LYS A 123 15.74 -16.05 10.75
CA LYS A 123 14.42 -16.67 10.87
C LYS A 123 14.19 -17.76 9.81
N LYS A 124 13.31 -18.71 10.12
CA LYS A 124 12.93 -19.71 9.15
C LYS A 124 11.44 -19.68 8.79
N GLN A 125 10.71 -18.81 9.48
CA GLN A 125 9.31 -18.56 9.15
C GLN A 125 8.90 -17.26 9.78
N LEU A 126 7.79 -16.71 9.30
CA LEU A 126 7.23 -15.49 9.85
C LEU A 126 5.79 -15.71 10.27
N LYS A 127 5.39 -15.09 11.37
CA LYS A 127 4.11 -15.37 11.98
C LYS A 127 2.95 -14.54 11.39
N ASN A 128 1.89 -15.22 10.97
CA ASN A 128 0.67 -14.54 10.52
C ASN A 128 -0.45 -14.78 11.50
N GLN A 129 -0.55 -13.89 12.49
CA GLN A 129 -1.53 -14.02 13.56
C GLN A 129 -2.75 -13.15 13.33
N ILE A 130 -3.93 -13.71 13.50
CA ILE A 130 -5.15 -12.91 13.52
C ILE A 130 -5.46 -12.52 14.96
N PRO A 131 -5.30 -11.23 15.29
CA PRO A 131 -5.47 -10.78 16.68
C PRO A 131 -6.86 -11.13 17.18
N LYS A 132 -7.00 -11.36 18.48
CA LYS A 132 -8.31 -11.60 19.05
C LYS A 132 -9.05 -10.26 19.17
N GLU A 133 -10.34 -10.31 19.45
CA GLU A 133 -11.14 -9.08 19.57
C GLU A 133 -10.42 -7.98 20.37
N SER A 134 -10.34 -6.78 19.80
CA SER A 134 -9.78 -5.60 20.48
C SER A 134 -8.27 -5.71 20.82
N LYS A 135 -7.63 -6.76 20.31
CA LYS A 135 -6.18 -6.88 20.43
C LYS A 135 -5.42 -6.59 19.12
N ILE A 136 -4.11 -6.46 19.22
CA ILE A 136 -3.26 -6.13 18.08
C ILE A 136 -2.19 -7.19 17.85
N TYR A 137 -2.07 -7.68 16.60
CA TYR A 137 -0.87 -8.41 16.23
C TYR A 137 0.16 -7.44 15.69
N GLU A 138 1.22 -7.19 16.45
CA GLU A 138 2.29 -6.32 15.96
C GLU A 138 3.53 -7.11 15.59
N ALA A 139 4.17 -6.72 14.49
CA ALA A 139 5.43 -7.32 14.07
C ALA A 139 6.45 -6.24 13.69
N ALA A 140 7.62 -6.30 14.31
CA ALA A 140 8.62 -5.26 14.13
C ALA A 140 9.92 -5.81 13.55
N PHE A 141 10.62 -4.97 12.79
CA PHE A 141 11.85 -5.34 12.13
C PHE A 141 12.81 -4.16 12.10
N SER A 142 14.08 -4.48 12.04
CA SER A 142 15.07 -3.46 11.74
C SER A 142 14.94 -3.14 10.26
N ARG A 143 15.27 -1.90 9.91
CA ARG A 143 15.27 -1.45 8.52
C ARG A 143 16.08 -2.39 7.62
N GLU A 144 17.18 -2.92 8.13
CA GLU A 144 18.02 -3.82 7.33
C GLU A 144 17.38 -5.21 7.18
N GLU A 145 16.80 -5.72 8.27
CA GLU A 145 16.14 -7.01 8.23
C GLU A 145 15.11 -7.00 7.09
N ILE A 146 14.35 -5.90 7.00
CA ILE A 146 13.36 -5.75 5.93
C ILE A 146 14.01 -5.93 4.57
N SER A 147 15.16 -5.31 4.36
CA SER A 147 15.88 -5.47 3.11
C SER A 147 16.25 -6.94 2.85
N TYR A 148 16.47 -7.72 3.92
CA TYR A 148 16.83 -9.14 3.72
C TYR A 148 15.67 -9.83 3.03
N TYR A 149 14.46 -9.48 3.44
CA TYR A 149 13.28 -10.16 2.94
C TYR A 149 12.93 -9.72 1.54
N VAL A 150 13.16 -8.45 1.26
CA VAL A 150 12.85 -7.95 -0.06
C VAL A 150 13.86 -8.59 -1.03
N SER A 151 15.06 -8.84 -0.54
CA SER A 151 16.03 -9.57 -1.34
C SER A 151 15.54 -10.95 -1.74
N CYS A 152 14.90 -11.65 -0.80
CA CYS A 152 14.30 -12.94 -1.10
C CYS A 152 13.27 -12.84 -2.23
N MET A 153 12.48 -11.76 -2.20
CA MET A 153 11.46 -11.57 -3.21
C MET A 153 12.14 -11.31 -4.54
N PHE A 154 13.20 -10.51 -4.50
CA PHE A 154 13.95 -10.19 -5.69
C PHE A 154 14.53 -11.44 -6.37
N LEU A 155 14.92 -12.41 -5.55
CA LEU A 155 15.51 -13.65 -6.04
C LEU A 155 14.51 -14.81 -6.12
N CYS A 156 13.22 -14.48 -6.00
CA CYS A 156 12.16 -15.46 -6.22
C CYS A 156 12.29 -16.73 -5.36
N ILE A 157 12.52 -16.55 -4.07
CA ILE A 157 12.68 -17.70 -3.19
C ILE A 157 11.71 -17.70 -2.01
N LEU A 158 10.65 -16.92 -2.10
CA LEU A 158 9.61 -16.94 -1.08
C LEU A 158 8.36 -17.64 -1.59
N LYS A 159 8.22 -18.90 -1.22
CA LYS A 159 7.03 -19.66 -1.59
C LYS A 159 6.62 -20.59 -0.47
N ASP A 160 5.32 -20.84 -0.37
CA ASP A 160 4.80 -21.90 0.46
C ASP A 160 4.30 -23.03 -0.45
N GLN A 161 5.12 -24.06 -0.58
CA GLN A 161 4.85 -25.12 -1.54
C GLN A 161 3.56 -25.88 -1.20
N ASP A 162 3.34 -26.14 0.08
CA ASP A 162 2.15 -26.88 0.50
C ASP A 162 0.86 -26.11 0.22
N ARG A 163 0.99 -24.79 0.05
CA ARG A 163 -0.17 -23.98 -0.27
C ARG A 163 -0.12 -23.48 -1.70
N LYS A 164 0.95 -23.85 -2.41
CA LYS A 164 1.19 -23.35 -3.76
C LYS A 164 0.94 -21.85 -3.81
N ILE A 165 1.49 -21.14 -2.83
CA ILE A 165 1.40 -19.70 -2.76
C ILE A 165 2.80 -19.11 -2.75
N TYR A 166 3.06 -18.12 -3.60
CA TYR A 166 4.35 -17.45 -3.56
C TYR A 166 4.19 -16.00 -3.20
N LYS A 167 5.26 -15.41 -2.66
CA LYS A 167 5.24 -14.00 -2.28
C LYS A 167 6.55 -13.33 -2.71
N ASP A 168 6.92 -13.49 -3.97
CA ASP A 168 8.13 -12.86 -4.50
C ASP A 168 7.87 -12.27 -5.90
N PHE A 169 8.94 -12.02 -6.66
CA PHE A 169 8.83 -11.22 -7.90
C PHE A 169 8.65 -12.01 -9.22
N ARG A 170 8.28 -13.28 -9.11
CA ARG A 170 8.30 -14.17 -10.27
C ARG A 170 7.29 -13.83 -11.36
N LEU A 171 6.11 -13.38 -10.96
CA LEU A 171 5.08 -13.05 -11.95
C LEU A 171 5.46 -11.74 -12.61
N ILE A 172 6.02 -10.85 -11.80
CA ILE A 172 6.47 -9.57 -12.28
C ILE A 172 7.55 -9.74 -13.35
N TYR A 173 8.45 -10.70 -13.13
CA TYR A 173 9.54 -10.98 -14.07
C TYR A 173 9.03 -11.61 -15.34
N LEU A 174 7.92 -12.32 -15.19
CA LEU A 174 7.37 -13.13 -16.26
C LEU A 174 6.80 -12.24 -17.37
N LYS A 175 6.93 -12.70 -18.62
CA LYS A 175 6.41 -11.96 -19.74
C LYS A 175 4.90 -12.10 -19.86
N ASP A 176 4.21 -10.99 -20.09
CA ASP A 176 2.76 -10.98 -20.33
C ASP A 176 2.48 -10.75 -21.82
N LEU A 177 1.27 -11.14 -22.24
CA LEU A 177 0.84 -10.97 -23.62
C LEU A 177 0.67 -9.50 -23.95
N VAL A 178 0.44 -8.69 -22.92
CA VAL A 178 0.10 -7.28 -23.11
C VAL A 178 1.26 -6.37 -22.71
N GLN A 179 1.71 -5.57 -23.67
CA GLN A 179 2.91 -4.77 -23.50
C GLN A 179 2.79 -3.81 -22.32
N GLN A 180 1.62 -3.17 -22.18
CA GLN A 180 1.40 -2.25 -21.06
C GLN A 180 1.67 -2.90 -19.72
N ILE A 181 1.30 -4.17 -19.62
CA ILE A 181 1.45 -4.93 -18.39
C ILE A 181 2.92 -5.20 -18.15
N ASN A 182 3.67 -5.51 -19.20
CA ASN A 182 5.11 -5.69 -19.07
C ASN A 182 5.78 -4.38 -18.62
N ILE A 183 5.32 -3.26 -19.15
CA ILE A 183 5.84 -1.98 -18.71
C ILE A 183 5.59 -1.77 -17.21
N ARG A 184 4.37 -2.03 -16.75
CA ARG A 184 4.06 -1.85 -15.34
C ARG A 184 4.99 -2.70 -14.47
N ARG A 185 5.16 -3.95 -14.86
CA ARG A 185 6.06 -4.84 -14.15
C ARG A 185 7.49 -4.31 -14.17
N GLN A 186 7.98 -3.93 -15.36
CA GLN A 186 9.31 -3.37 -15.50
C GLN A 186 9.51 -2.18 -14.58
N GLU A 187 8.52 -1.31 -14.53
CA GLU A 187 8.57 -0.12 -13.72
C GLU A 187 8.61 -0.45 -12.23
N LYS A 188 7.84 -1.45 -11.83
CA LYS A 188 7.90 -1.89 -10.44
C LYS A 188 9.29 -2.43 -10.15
N ILE A 189 9.90 -3.06 -11.15
CA ILE A 189 11.19 -3.67 -10.93
C ILE A 189 12.23 -2.59 -10.69
N LYS A 190 12.13 -1.49 -11.43
CA LYS A 190 13.03 -0.37 -11.22
C LYS A 190 12.93 0.16 -9.79
N CYS A 191 11.72 0.21 -9.24
CA CYS A 191 11.52 0.80 -7.92
C CYS A 191 12.17 -0.09 -6.88
N PHE A 192 12.01 -1.39 -7.07
CA PHE A 192 12.50 -2.31 -6.05
C PHE A 192 14.02 -2.34 -6.09
N TYR A 193 14.57 -2.15 -7.28
CA TYR A 193 16.00 -2.15 -7.47
C TYR A 193 16.60 -0.90 -6.85
N GLU A 194 15.97 0.25 -7.14
CA GLU A 194 16.44 1.49 -6.54
C GLU A 194 16.47 1.34 -5.02
N TYR A 195 15.38 0.84 -4.46
CA TYR A 195 15.30 0.62 -3.03
C TYR A 195 16.45 -0.25 -2.54
N LEU A 196 16.65 -1.38 -3.22
CA LEU A 196 17.66 -2.31 -2.77
C LEU A 196 19.07 -1.69 -2.78
N LYS A 197 19.35 -0.89 -3.80
CA LYS A 197 20.65 -0.22 -3.88
C LYS A 197 20.87 0.70 -2.67
N GLN A 198 19.79 1.30 -2.20
CA GLN A 198 19.86 2.24 -1.08
C GLN A 198 19.94 1.51 0.26
N ALA A 199 19.40 0.31 0.28
CA ALA A 199 19.44 -0.51 1.48
C ALA A 199 20.87 -1.01 1.71
N LEU A 200 21.63 -1.15 0.63
CA LEU A 200 23.01 -1.59 0.75
C LEU A 200 23.88 -0.48 1.32
N ASP A 201 23.52 0.78 1.04
CA ASP A 201 24.30 1.93 1.51
C ASP A 201 23.79 2.47 2.83
N PHE A 202 23.10 1.64 3.59
CA PHE A 202 22.53 2.08 4.85
C PHE A 202 23.63 2.40 5.86
N SER A 203 23.47 3.50 6.57
CA SER A 203 24.36 3.81 7.67
C SER A 203 24.06 2.80 8.78
N GLU A 204 24.99 2.63 9.71
CA GLU A 204 24.75 1.75 10.83
C GLU A 204 23.47 2.18 11.54
N LYS A 205 23.32 3.48 11.73
CA LYS A 205 22.14 4.06 12.38
C LYS A 205 20.87 3.63 11.66
N GLU A 206 20.82 3.90 10.36
CA GLU A 206 19.58 3.73 9.60
C GLU A 206 19.16 2.25 9.56
N SER A 207 20.15 1.36 9.53
CA SER A 207 19.86 -0.06 9.44
C SER A 207 19.23 -0.60 10.73
N LYS A 208 19.35 0.17 11.81
CA LYS A 208 18.85 -0.27 13.11
C LYS A 208 17.47 0.29 13.44
N GLU A 209 17.10 1.33 12.72
CA GLU A 209 15.79 1.94 12.90
C GLU A 209 14.73 0.84 12.77
N VAL A 210 13.67 0.98 13.56
CA VAL A 210 12.61 -0.02 13.59
C VAL A 210 11.43 0.32 12.65
N VAL A 211 11.01 -0.67 11.86
CA VAL A 211 9.80 -0.55 11.07
C VAL A 211 8.77 -1.46 11.72
N ILE A 212 7.53 -1.00 11.83
CA ILE A 212 6.52 -1.74 12.58
C ILE A 212 5.24 -1.95 11.79
N PHE A 213 4.76 -3.18 11.79
CA PHE A 213 3.50 -3.51 11.16
C PHE A 213 2.48 -3.93 12.22
N GLN A 214 1.24 -3.48 12.07
CA GLN A 214 0.19 -3.75 13.05
C GLN A 214 -1.14 -4.19 12.42
N ARG A 215 -1.54 -5.42 12.71
CA ARG A 215 -2.89 -5.89 12.42
C ARG A 215 -3.73 -5.61 13.66
N ILE A 216 -4.73 -4.75 13.50
CA ILE A 216 -5.47 -4.21 14.62
C ILE A 216 -6.95 -4.57 14.54
N ASN A 217 -7.39 -5.40 15.48
CA ASN A 217 -8.79 -5.67 15.67
C ASN A 217 -9.39 -4.57 16.53
N CYS A 218 -10.48 -3.97 16.05
CA CYS A 218 -11.02 -2.77 16.70
C CYS A 218 -12.34 -3.00 17.46
N GLY A 219 -12.72 -4.26 17.61
CA GLY A 219 -13.83 -4.63 18.47
C GLY A 219 -15.21 -4.59 17.83
N GLN A 220 -16.21 -4.27 18.65
CA GLN A 220 -17.59 -4.29 18.20
C GLN A 220 -17.86 -3.27 17.09
N LEU A 221 -18.41 -3.78 16.00
CA LEU A 221 -18.94 -2.94 14.93
C LEU A 221 -20.25 -2.30 15.35
N GLU A 222 -20.35 -1.00 15.18
CA GLU A 222 -21.59 -0.28 15.49
C GLU A 222 -22.48 -0.28 14.26
N ASP A 223 -23.79 -0.33 14.45
CA ASP A 223 -24.72 -0.37 13.32
C ASP A 223 -25.22 1.04 13.02
N TYR A 224 -26.05 1.17 11.99
CA TYR A 224 -26.50 2.49 11.54
C TYR A 224 -27.14 3.36 12.62
N GLU A 225 -28.17 2.83 13.28
CA GLU A 225 -28.87 3.57 14.34
C GLU A 225 -27.89 3.97 15.44
N ASN A 226 -27.07 3.02 15.85
CA ASN A 226 -26.02 3.24 16.84
C ASN A 226 -25.13 4.42 16.41
N TRP A 227 -24.74 4.44 15.14
CA TRP A 227 -23.96 5.55 14.61
C TRP A 227 -24.71 6.88 14.73
N VAL A 228 -25.95 6.90 14.28
CA VAL A 228 -26.75 8.13 14.29
C VAL A 228 -26.80 8.71 15.69
N ASP A 229 -27.04 7.83 16.67
CA ASP A 229 -27.00 8.24 18.07
C ASP A 229 -25.64 8.88 18.42
N LYS A 230 -24.57 8.12 18.24
CA LYS A 230 -23.23 8.53 18.63
C LYS A 230 -22.79 9.88 18.04
N LEU A 231 -23.35 10.22 16.88
CA LEU A 231 -22.96 11.41 16.14
C LEU A 231 -23.67 12.68 16.57
N LYS A 232 -24.77 12.53 17.29
CA LYS A 232 -25.48 13.67 17.87
C LYS A 232 -24.50 14.52 18.70
N ALA A 233 -23.53 13.85 19.33
CA ALA A 233 -22.52 14.53 20.14
C ALA A 233 -21.37 15.17 19.32
N ILE A 234 -21.41 15.04 17.99
CA ILE A 234 -20.24 15.34 17.17
C ILE A 234 -20.44 16.47 16.16
N LYS A 235 -19.43 17.32 16.05
CA LYS A 235 -19.46 18.39 15.06
C LYS A 235 -18.40 18.16 13.97
N LEU A 236 -18.75 18.52 12.74
CA LEU A 236 -17.87 18.34 11.58
C LEU A 236 -16.60 19.15 11.72
N LYS A 237 -15.47 18.47 11.61
CA LYS A 237 -14.18 19.11 11.85
C LYS A 237 -13.55 19.63 10.56
N ASN A 238 -12.32 20.09 10.65
CA ASN A 238 -11.72 20.76 9.53
C ASN A 238 -11.38 19.84 8.37
N VAL A 239 -11.55 20.35 7.16
CA VAL A 239 -11.12 19.67 5.95
C VAL A 239 -10.34 20.64 5.05
N GLN A 240 -9.18 20.19 4.55
CA GLN A 240 -8.43 20.93 3.54
C GLN A 240 -8.45 20.21 2.19
N LEU A 241 -8.71 20.97 1.12
CA LEU A 241 -8.66 20.43 -0.23
C LEU A 241 -7.33 20.66 -0.95
N THR A 242 -6.89 19.67 -1.69
CA THR A 242 -5.75 19.89 -2.56
C THR A 242 -5.94 19.23 -3.91
N ASP A 243 -5.83 20.06 -4.94
CA ASP A 243 -5.96 19.72 -6.35
C ASP A 243 -4.79 18.89 -6.88
N ASP A 244 -3.60 19.18 -6.39
CA ASP A 244 -2.38 18.85 -7.11
C ASP A 244 -1.34 18.17 -6.25
N LYS A 245 -1.72 17.87 -5.02
CA LYS A 245 -0.83 17.16 -4.12
C LYS A 245 -1.27 15.71 -3.92
N LEU A 246 -0.30 14.87 -3.61
CA LEU A 246 -0.57 13.47 -3.33
C LEU A 246 -0.53 13.24 -1.83
N ILE A 247 -1.08 12.11 -1.40
CA ILE A 247 -1.18 11.83 0.04
C ILE A 247 0.15 11.90 0.74
N GLU A 248 1.19 11.39 0.09
CA GLU A 248 2.49 11.31 0.73
C GLU A 248 3.22 12.65 0.75
N ASP A 249 2.63 13.67 0.12
CA ASP A 249 3.15 15.02 0.25
C ASP A 249 2.80 15.64 1.60
N PHE A 250 2.18 14.87 2.48
CA PHE A 250 1.82 15.41 3.80
C PHE A 250 2.38 14.62 4.95
N PRO A 251 3.68 14.83 5.18
CA PRO A 251 4.41 14.16 6.27
C PRO A 251 3.84 14.60 7.61
N GLY A 252 3.84 13.71 8.58
CA GLY A 252 3.32 14.05 9.90
C GLY A 252 1.81 13.98 9.98
N THR A 253 1.19 13.35 8.98
CA THR A 253 -0.23 13.01 9.07
C THR A 253 -0.36 11.51 9.07
N LEU A 254 -1.55 11.05 9.41
CA LEU A 254 -1.89 9.64 9.27
C LEU A 254 -2.28 9.43 7.79
N GLN A 255 -1.38 8.77 7.08
CA GLN A 255 -1.49 8.64 5.64
C GLN A 255 -2.23 7.38 5.22
N VAL A 256 -3.27 7.57 4.43
CA VAL A 256 -4.13 6.47 4.00
C VAL A 256 -3.63 5.71 2.76
N ASP A 257 -3.58 4.40 2.88
CA ASP A 257 -3.41 3.51 1.75
C ASP A 257 -4.80 2.95 1.46
N PHE A 258 -5.32 3.25 0.28
CA PHE A 258 -6.61 2.77 -0.18
C PHE A 258 -6.45 1.27 -0.46
N ALA A 259 -6.51 0.45 0.58
CA ALA A 259 -6.01 -0.92 0.50
C ALA A 259 -7.00 -1.93 -0.07
N ASN A 260 -6.46 -3.03 -0.59
CA ASN A 260 -7.26 -4.23 -0.83
C ASN A 260 -7.39 -4.97 0.51
N CYS A 261 -8.43 -5.79 0.68
CA CYS A 261 -8.55 -6.55 1.94
C CYS A 261 -7.37 -7.50 2.13
N ASP A 262 -6.85 -8.01 1.02
CA ASP A 262 -5.52 -8.60 1.01
C ASP A 262 -4.52 -7.48 0.81
N ILE A 263 -3.85 -7.12 1.89
CA ILE A 263 -2.92 -5.99 1.88
C ILE A 263 -1.97 -6.13 0.71
N GLY A 264 -1.78 -5.05 -0.03
CA GLY A 264 -0.85 -5.06 -1.14
C GLY A 264 -1.55 -5.16 -2.48
N GLY A 265 -2.76 -5.70 -2.49
CA GLY A 265 -3.52 -5.85 -3.72
C GLY A 265 -2.72 -6.58 -4.78
N GLY A 266 -2.72 -6.04 -6.00
CA GLY A 266 -1.96 -6.61 -7.09
C GLY A 266 -0.49 -6.19 -7.15
N ILE A 267 0.09 -5.83 -6.00
CA ILE A 267 1.47 -5.34 -6.01
C ILE A 267 2.43 -6.37 -6.62
N LEU A 268 2.16 -7.64 -6.35
CA LEU A 268 3.01 -8.71 -6.87
C LEU A 268 2.56 -9.22 -8.22
N GLY A 269 1.53 -8.58 -8.78
CA GLY A 269 1.11 -8.87 -10.13
C GLY A 269 1.01 -7.63 -11.00
N ASN A 270 -0.22 -7.33 -11.43
CA ASN A 270 -0.45 -6.28 -12.40
C ASN A 270 -0.84 -4.95 -11.78
N GLY A 271 -1.19 -4.97 -10.49
CA GLY A 271 -1.71 -3.81 -9.81
C GLY A 271 -0.77 -2.61 -9.79
N LEU A 272 -1.26 -1.45 -10.21
CA LEU A 272 -0.45 -0.24 -10.19
C LEU A 272 -1.31 1.00 -10.03
N VAL A 273 -2.25 0.95 -9.09
CA VAL A 273 -2.97 2.15 -8.70
C VAL A 273 -2.56 2.55 -7.27
N GLN A 274 -3.44 3.24 -6.54
CA GLN A 274 -2.98 3.96 -5.35
C GLN A 274 -2.17 3.09 -4.38
N GLU A 275 -2.72 1.94 -3.98
CA GLU A 275 -2.02 1.07 -3.03
C GLU A 275 -0.70 0.54 -3.56
N GLU A 276 -0.72 0.02 -4.78
CA GLU A 276 0.49 -0.63 -5.30
C GLU A 276 1.59 0.40 -5.56
N ILE A 277 1.19 1.58 -5.98
CA ILE A 277 2.14 2.66 -6.23
C ILE A 277 2.89 2.96 -4.94
N ARG A 278 2.16 3.04 -3.83
CA ARG A 278 2.77 3.30 -2.54
C ARG A 278 3.77 2.22 -2.14
N PHE A 279 3.43 0.96 -2.39
CA PHE A 279 4.37 -0.12 -2.15
C PHE A 279 5.60 0.03 -3.06
N CYS A 280 5.36 0.49 -4.28
CA CYS A 280 6.46 0.68 -5.22
C CYS A 280 7.45 1.73 -4.74
N VAL A 281 6.97 2.85 -4.22
CA VAL A 281 7.86 3.90 -3.78
C VAL A 281 8.33 3.68 -2.34
N CYS A 282 7.58 2.88 -1.57
CA CYS A 282 7.96 2.54 -0.20
C CYS A 282 8.01 1.02 0.02
N PRO A 283 9.02 0.36 -0.57
CA PRO A 283 8.99 -1.11 -0.63
C PRO A 283 9.09 -1.83 0.71
N GLU A 284 9.29 -1.11 1.81
CA GLU A 284 9.41 -1.79 3.09
C GLU A 284 8.02 -2.34 3.41
N MET A 285 7.02 -1.79 2.76
CA MET A 285 5.66 -2.22 3.00
C MET A 285 5.44 -3.65 2.56
N LEU A 286 6.29 -4.14 1.65
CA LEU A 286 6.19 -5.49 1.11
C LEU A 286 6.16 -6.58 2.19
N VAL A 287 6.78 -6.28 3.34
CA VAL A 287 6.90 -7.29 4.38
C VAL A 287 5.56 -7.56 5.03
N SER A 288 4.69 -6.56 5.03
CA SER A 288 3.32 -6.78 5.44
C SER A 288 2.69 -7.99 4.71
N LEU A 289 3.09 -8.22 3.46
CA LEU A 289 2.61 -9.39 2.74
C LEU A 289 3.02 -10.69 3.45
N LEU A 290 4.08 -10.61 4.25
CA LEU A 290 4.69 -11.78 4.84
C LEU A 290 4.09 -12.11 6.21
N VAL A 291 3.34 -11.16 6.78
CA VAL A 291 2.78 -11.38 8.11
C VAL A 291 1.25 -11.25 8.16
N PHE A 292 0.69 -10.66 7.11
CA PHE A 292 -0.74 -10.42 7.06
C PHE A 292 -1.42 -11.19 5.92
N ASP A 293 -1.09 -12.48 5.83
CA ASP A 293 -1.60 -13.31 4.74
C ASP A 293 -3.12 -13.26 4.59
N GLN A 294 -3.81 -13.27 5.72
CA GLN A 294 -5.27 -13.39 5.70
C GLN A 294 -5.99 -12.05 5.44
N SER A 295 -7.09 -12.10 4.69
CA SER A 295 -7.87 -10.88 4.42
C SER A 295 -8.22 -10.14 5.70
N MET A 296 -8.19 -8.81 5.64
CA MET A 296 -8.70 -7.99 6.72
C MET A 296 -10.20 -8.24 6.94
N GLU A 297 -10.60 -8.35 8.20
CA GLU A 297 -12.00 -8.49 8.54
C GLU A 297 -12.59 -7.09 8.63
N ALA A 298 -13.92 -7.00 8.59
CA ALA A 298 -14.58 -5.69 8.60
C ALA A 298 -14.14 -4.79 9.74
N ASN A 299 -13.81 -5.38 10.88
CA ASN A 299 -13.36 -4.60 12.04
C ASN A 299 -11.85 -4.60 12.23
N GLU A 300 -11.12 -4.90 11.16
CA GLU A 300 -9.66 -4.85 11.22
C GLU A 300 -9.13 -3.64 10.43
N VAL A 301 -8.00 -3.10 10.88
CA VAL A 301 -7.24 -2.17 10.06
C VAL A 301 -5.76 -2.48 10.23
N ILE A 302 -4.94 -2.00 9.29
CA ILE A 302 -3.51 -2.17 9.38
C ILE A 302 -2.79 -0.84 9.44
N ILE A 303 -1.79 -0.77 10.31
CA ILE A 303 -0.97 0.41 10.45
C ILE A 303 0.50 0.03 10.20
N MET A 304 1.22 0.86 9.44
CA MET A 304 2.65 0.64 9.20
C MET A 304 3.45 1.87 9.61
N LYS A 305 4.35 1.71 10.57
CA LYS A 305 5.14 2.82 11.09
C LYS A 305 6.62 2.69 10.69
N GLY A 306 7.27 3.82 10.43
CA GLY A 306 8.69 3.84 10.11
C GLY A 306 9.00 3.70 8.64
N ILE A 307 7.99 3.90 7.80
CA ILE A 307 8.12 3.70 6.35
C ILE A 307 8.72 4.92 5.68
N LYS A 308 9.79 4.70 4.94
CA LYS A 308 10.45 5.78 4.21
C LYS A 308 10.21 5.61 2.72
N GLN A 309 10.40 6.67 1.97
CA GLN A 309 10.13 6.63 0.55
C GLN A 309 11.45 6.63 -0.20
N TYR A 310 11.57 5.74 -1.17
CA TYR A 310 12.86 5.51 -1.84
C TYR A 310 12.88 5.88 -3.33
N SER A 311 11.71 5.92 -3.97
CA SER A 311 11.66 6.29 -5.37
C SER A 311 10.67 7.41 -5.53
N ASP A 312 10.84 8.17 -6.60
CA ASP A 312 9.81 9.06 -7.05
C ASP A 312 9.09 8.38 -8.24
N TYR A 313 8.09 9.05 -8.78
CA TYR A 313 7.36 8.47 -9.89
C TYR A 313 6.52 9.53 -10.54
N GLN A 314 6.08 9.23 -11.74
CA GLN A 314 5.03 10.00 -12.37
C GLN A 314 3.99 9.00 -12.87
N GLY A 315 2.76 9.46 -13.04
CA GLY A 315 1.76 8.64 -13.69
C GLY A 315 1.01 7.71 -12.77
N TYR A 316 0.36 6.74 -13.38
CA TYR A 316 -0.63 5.97 -12.66
C TYR A 316 -1.00 4.83 -13.56
N SER A 317 -1.00 3.62 -13.03
CA SER A 317 -1.34 2.47 -13.84
C SER A 317 -0.46 2.40 -15.10
N ASN A 318 -1.08 2.49 -16.28
CA ASN A 318 -0.30 2.36 -17.51
C ASN A 318 0.73 3.47 -17.72
N SER A 319 0.48 4.65 -17.17
CA SER A 319 1.39 5.76 -17.35
C SER A 319 2.44 5.83 -16.23
N PHE A 320 2.29 4.97 -15.25
CA PHE A 320 3.24 4.97 -14.15
C PHE A 320 4.68 4.74 -14.64
N ARG A 321 5.60 5.60 -14.20
CA ARG A 321 7.02 5.46 -14.48
C ARG A 321 7.83 5.77 -13.24
N PHE A 322 8.80 4.90 -12.96
CA PHE A 322 9.80 5.15 -11.93
C PHE A 322 10.60 6.41 -12.29
N VAL A 323 10.88 7.21 -11.28
CA VAL A 323 11.71 8.40 -11.43
C VAL A 323 12.66 8.47 -10.23
N LYS A 324 13.97 8.39 -10.49
CA LYS A 324 14.97 8.48 -9.43
C LYS A 324 14.70 9.71 -8.59
N MET A 325 14.82 9.56 -7.27
CA MET A 325 14.56 10.70 -6.39
C MET A 325 15.70 11.73 -6.40
N GLY A 326 15.32 13.00 -6.51
CA GLY A 326 16.28 14.09 -6.58
C GLY A 326 16.89 14.54 -5.25
N ASN A 327 17.35 15.79 -5.23
CA ASN A 327 18.13 16.30 -4.11
C ASN A 327 17.47 17.45 -3.35
N SER A 328 16.36 17.94 -3.86
CA SER A 328 15.69 19.08 -3.23
C SER A 328 15.37 18.81 -1.77
N LYS A 329 15.02 19.87 -1.05
CA LYS A 329 14.58 19.78 0.32
C LYS A 329 13.52 18.68 0.46
N ILE A 330 12.43 18.83 -0.28
CA ILE A 330 11.29 17.91 -0.20
C ILE A 330 11.68 16.46 -0.47
N GLN A 331 12.59 16.25 -1.42
CA GLN A 331 13.02 14.90 -1.75
C GLN A 331 13.84 14.26 -0.63
N LYS A 332 14.80 15.00 -0.10
CA LYS A 332 15.60 14.52 1.02
C LYS A 332 14.69 14.10 2.18
N GLN A 333 13.62 14.85 2.39
CA GLN A 333 12.71 14.55 3.50
C GLN A 333 11.96 13.25 3.27
N LYS A 334 11.42 13.09 2.06
CA LYS A 334 10.65 11.89 1.76
C LYS A 334 11.52 10.68 2.01
N ARG A 335 12.80 10.80 1.65
CA ARG A 335 13.75 9.69 1.77
C ARG A 335 14.17 9.40 3.21
N THR A 336 14.25 10.44 4.03
CA THR A 336 14.85 10.29 5.36
C THR A 336 13.86 10.47 6.51
N ASN A 337 12.64 10.89 6.21
CA ASN A 337 11.64 11.05 7.27
C ASN A 337 10.57 9.96 7.25
N PRO A 338 10.58 9.12 8.30
CA PRO A 338 9.67 7.96 8.28
C PRO A 338 8.24 8.40 8.48
N GLN A 339 7.32 7.73 7.80
CA GLN A 339 5.91 8.08 7.92
C GLN A 339 5.09 6.92 8.46
N THR A 340 3.88 7.24 8.92
CA THR A 340 2.94 6.25 9.40
C THR A 340 1.72 6.18 8.47
N ILE A 341 1.35 4.95 8.14
CA ILE A 341 0.37 4.66 7.11
C ILE A 341 -0.79 3.79 7.61
N LEU A 342 -2.00 4.27 7.37
CA LEU A 342 -3.21 3.53 7.67
C LEU A 342 -3.74 2.84 6.43
N ALA A 343 -3.77 1.51 6.45
CA ALA A 343 -4.38 0.73 5.37
C ALA A 343 -5.77 0.29 5.76
N ILE A 344 -6.77 0.83 5.06
CA ILE A 344 -8.16 0.44 5.23
C ILE A 344 -8.72 0.08 3.86
N ASP A 345 -9.52 -0.97 3.82
CA ASP A 345 -10.06 -1.44 2.56
C ASP A 345 -11.52 -1.01 2.41
N ALA A 346 -11.79 -0.27 1.32
CA ALA A 346 -13.15 0.09 0.97
C ALA A 346 -13.90 -1.14 0.45
N LEU A 347 -15.21 -1.05 0.44
CA LEU A 347 -16.01 -2.06 -0.19
C LEU A 347 -15.75 -2.07 -1.69
N CYS A 348 -15.70 -3.28 -2.24
CA CYS A 348 -15.66 -3.43 -3.69
C CYS A 348 -17.10 -3.58 -4.21
N PHE A 349 -17.67 -2.48 -4.71
CA PHE A 349 -19.04 -2.47 -5.21
C PHE A 349 -19.18 -3.01 -6.65
N ASN A 350 -20.34 -3.55 -6.97
CA ASN A 350 -20.69 -3.58 -8.38
C ASN A 350 -21.77 -2.54 -8.74
N SER A 351 -22.02 -2.39 -10.04
CA SER A 351 -22.76 -1.26 -10.57
C SER A 351 -24.19 -1.17 -10.07
N SER A 352 -24.73 -2.31 -9.65
CA SER A 352 -26.11 -2.38 -9.18
C SER A 352 -26.25 -2.15 -7.66
N ASP A 353 -25.15 -2.27 -6.92
CA ASP A 353 -25.17 -2.11 -5.46
C ASP A 353 -25.65 -0.70 -5.04
N ASN A 354 -26.46 -0.65 -3.99
CA ASN A 354 -26.87 0.62 -3.42
C ASN A 354 -25.88 1.01 -2.31
N GLN A 355 -25.00 1.96 -2.64
CA GLN A 355 -23.94 2.36 -1.73
C GLN A 355 -24.49 3.16 -0.55
N PHE A 356 -25.68 3.72 -0.73
CA PHE A 356 -26.34 4.49 0.31
C PHE A 356 -27.18 3.64 1.29
N SER A 357 -27.14 2.32 1.16
CA SER A 357 -27.91 1.51 2.11
C SER A 357 -27.30 1.69 3.51
N GLU A 358 -28.14 1.57 4.54
CA GLU A 358 -27.72 1.71 5.92
C GLU A 358 -26.68 0.68 6.27
N VAL A 359 -26.80 -0.50 5.67
CA VAL A 359 -25.79 -1.55 5.85
C VAL A 359 -24.43 -1.16 5.24
N ASN A 360 -24.44 -0.71 3.99
CA ASN A 360 -23.19 -0.34 3.32
C ASN A 360 -22.52 0.89 3.90
N VAL A 361 -23.32 1.90 4.18
CA VAL A 361 -22.82 3.09 4.86
C VAL A 361 -22.20 2.81 6.23
N SER A 362 -22.92 2.09 7.07
CA SER A 362 -22.44 1.88 8.43
C SER A 362 -21.14 1.08 8.36
N ARG A 363 -21.04 0.21 7.36
CA ARG A 363 -19.82 -0.58 7.11
C ARG A 363 -18.65 0.36 6.82
N GLU A 364 -18.85 1.30 5.90
CA GLU A 364 -17.76 2.21 5.57
C GLU A 364 -17.43 3.15 6.74
N LEU A 365 -18.45 3.56 7.50
CA LEU A 365 -18.25 4.37 8.71
C LEU A 365 -17.41 3.63 9.72
N ASN A 366 -17.73 2.37 9.92
CA ASN A 366 -16.93 1.57 10.82
C ASN A 366 -15.48 1.54 10.38
N LYS A 367 -15.26 1.17 9.11
CA LYS A 367 -13.92 0.88 8.62
C LYS A 367 -13.04 2.13 8.73
N SER A 368 -13.56 3.24 8.22
CA SER A 368 -12.79 4.47 8.19
C SER A 368 -12.54 4.97 9.61
N TYR A 369 -13.58 4.97 10.44
CA TYR A 369 -13.44 5.51 11.78
C TYR A 369 -12.54 4.62 12.64
N MET A 370 -12.74 3.31 12.52
CA MET A 370 -11.87 2.38 13.24
C MET A 370 -10.43 2.62 12.83
N GLY A 371 -10.24 2.98 11.57
CA GLY A 371 -8.91 3.32 11.08
C GLY A 371 -8.42 4.68 11.55
N PHE A 372 -9.22 5.72 11.30
CA PHE A 372 -8.82 7.09 11.61
C PHE A 372 -8.55 7.31 13.08
N LYS A 373 -9.29 6.63 13.96
CA LYS A 373 -9.13 6.86 15.39
C LYS A 373 -7.78 6.34 15.91
N GLN A 374 -7.11 5.50 15.12
CA GLN A 374 -5.78 5.01 15.46
C GLN A 374 -4.75 6.13 15.47
N GLU A 375 -3.68 5.95 16.23
CA GLU A 375 -2.58 6.92 16.25
C GLU A 375 -3.06 8.32 16.55
N ASP A 376 -3.68 8.48 17.72
CA ASP A 376 -4.29 9.74 18.14
C ASP A 376 -3.35 10.96 18.22
N GLN A 377 -2.04 10.73 18.15
CA GLN A 377 -1.09 11.84 18.20
C GLN A 377 -0.86 12.39 16.79
N LEU A 378 -1.35 11.66 15.78
CA LEU A 378 -1.38 12.13 14.40
C LEU A 378 -2.76 12.74 14.10
N LYS A 379 -2.91 14.04 14.39
CA LYS A 379 -4.25 14.63 14.45
C LYS A 379 -4.82 15.07 13.10
N THR A 380 -4.08 14.81 12.02
CA THR A 380 -4.58 15.04 10.67
C THR A 380 -4.53 13.78 9.82
N ILE A 381 -5.66 13.45 9.21
CA ILE A 381 -5.72 12.35 8.25
C ILE A 381 -5.46 12.88 6.86
N SER A 382 -4.54 12.22 6.18
CA SER A 382 -4.26 12.50 4.78
C SER A 382 -4.91 11.38 3.93
N THR A 383 -5.91 11.75 3.14
CA THR A 383 -6.64 10.76 2.36
C THR A 383 -7.11 11.37 1.02
N GLY A 384 -8.06 10.72 0.37
CA GLY A 384 -8.49 11.15 -0.94
C GLY A 384 -9.62 10.31 -1.48
N LYS A 385 -9.53 9.97 -2.76
CA LYS A 385 -10.60 9.22 -3.43
C LYS A 385 -10.66 7.73 -3.04
N TRP A 386 -10.84 7.48 -1.74
CA TRP A 386 -10.83 6.12 -1.17
C TRP A 386 -11.92 5.19 -1.74
N GLY A 387 -11.50 4.15 -2.47
CA GLY A 387 -12.40 3.16 -3.03
C GLY A 387 -13.26 3.62 -4.22
N CYS A 388 -12.82 4.67 -4.90
CA CYS A 388 -13.60 5.26 -5.98
C CYS A 388 -13.00 5.01 -7.35
N GLY A 389 -12.07 4.06 -7.44
CA GLY A 389 -11.50 3.71 -8.72
C GLY A 389 -12.18 2.45 -9.23
N ALA A 390 -11.39 1.39 -9.37
CA ALA A 390 -11.88 0.05 -9.72
C ALA A 390 -12.89 -0.49 -8.71
N PHE A 391 -12.99 0.13 -7.54
CA PHE A 391 -13.91 -0.36 -6.52
C PHE A 391 -15.28 0.28 -6.72
N LEU A 392 -15.35 1.19 -7.69
CA LEU A 392 -16.62 1.80 -8.14
C LEU A 392 -17.35 2.68 -7.10
N GLY A 393 -16.66 3.07 -6.04
CA GLY A 393 -17.24 3.95 -5.04
C GLY A 393 -17.64 5.30 -5.62
N VAL A 394 -18.79 5.80 -5.17
CA VAL A 394 -19.17 7.18 -5.47
C VAL A 394 -18.38 8.10 -4.52
N PHE A 395 -17.61 9.00 -5.10
CA PHE A 395 -16.72 9.81 -4.29
C PHE A 395 -17.45 10.80 -3.38
N ASP A 396 -18.51 11.41 -3.89
CA ASP A 396 -19.34 12.31 -3.09
C ASP A 396 -19.65 11.67 -1.72
N LEU A 397 -20.15 10.44 -1.75
CA LEU A 397 -20.49 9.70 -0.54
C LEU A 397 -19.26 9.23 0.25
N LYS A 398 -18.22 8.78 -0.43
CA LYS A 398 -17.01 8.38 0.27
C LYS A 398 -16.42 9.59 0.99
N PHE A 399 -16.60 10.76 0.41
CA PHE A 399 -16.17 11.96 1.10
C PHE A 399 -16.92 12.16 2.40
N ALA A 400 -18.25 12.12 2.31
CA ALA A 400 -19.14 12.35 3.44
C ALA A 400 -18.84 11.38 4.57
N ILE A 401 -18.66 10.12 4.23
CA ILE A 401 -18.36 9.11 5.23
C ILE A 401 -17.03 9.37 5.94
N GLN A 402 -16.00 9.70 5.17
CA GLN A 402 -14.70 9.98 5.78
C GLN A 402 -14.75 11.23 6.64
N TRP A 403 -15.45 12.25 6.16
CA TRP A 403 -15.62 13.47 6.95
C TRP A 403 -16.30 13.15 8.28
N ILE A 404 -17.39 12.40 8.22
CA ILE A 404 -18.05 12.02 9.47
C ILE A 404 -17.08 11.24 10.36
N ALA A 405 -16.30 10.34 9.77
CA ALA A 405 -15.41 9.49 10.53
C ALA A 405 -14.29 10.28 11.18
N SER A 406 -13.72 11.21 10.42
CA SER A 406 -12.61 11.99 10.92
C SER A 406 -13.09 12.91 12.05
N SER A 407 -14.27 13.48 11.84
CA SER A 407 -14.90 14.34 12.82
C SER A 407 -15.12 13.62 14.15
N ARG A 408 -15.79 12.47 14.10
CA ARG A 408 -15.96 11.65 15.28
C ARG A 408 -14.59 11.32 15.91
N SER A 409 -13.61 11.10 15.05
CA SER A 409 -12.24 10.80 15.47
C SER A 409 -11.59 12.01 16.16
N ASN A 410 -12.25 13.15 16.06
CA ASN A 410 -11.68 14.43 16.51
C ASN A 410 -10.38 14.75 15.79
N LYS A 411 -10.36 14.50 14.48
CA LYS A 411 -9.21 14.79 13.63
C LYS A 411 -9.53 15.71 12.46
N LYS A 412 -8.51 16.43 11.97
CA LYS A 412 -8.62 17.20 10.75
C LYS A 412 -8.40 16.26 9.57
N MET A 413 -8.88 16.67 8.41
CA MET A 413 -8.70 15.85 7.22
C MET A 413 -8.18 16.63 6.03
N ILE A 414 -7.21 16.06 5.32
CA ILE A 414 -6.77 16.59 4.04
C ILE A 414 -7.27 15.68 2.91
N ILE A 415 -8.03 16.23 1.98
CA ILE A 415 -8.52 15.45 0.85
C ILE A 415 -7.80 15.80 -0.46
N CYS A 416 -7.15 14.80 -1.06
CA CYS A 416 -6.49 14.96 -2.35
C CYS A 416 -7.47 14.56 -3.44
N THR A 417 -7.78 15.48 -4.35
CA THR A 417 -8.82 15.21 -5.33
C THR A 417 -8.19 14.82 -6.67
N PHE A 418 -6.87 14.92 -6.73
CA PHE A 418 -6.12 14.47 -7.90
C PHE A 418 -6.64 15.17 -9.16
N GLN A 419 -6.55 16.50 -9.18
CA GLN A 419 -6.88 17.28 -10.36
C GLN A 419 -8.31 17.06 -10.86
N ASP A 420 -9.23 16.79 -9.95
CA ASP A 420 -10.64 16.78 -10.32
C ASP A 420 -11.23 18.13 -9.93
N GLU A 421 -11.16 19.09 -10.87
CA GLU A 421 -11.57 20.48 -10.62
C GLU A 421 -13.02 20.64 -10.15
N GLN A 422 -13.93 19.94 -10.81
CA GLN A 422 -15.35 20.01 -10.46
C GLN A 422 -15.63 19.48 -9.04
N THR A 423 -15.04 18.35 -8.70
CA THR A 423 -15.26 17.75 -7.40
C THR A 423 -14.67 18.65 -6.33
N THR A 424 -13.50 19.20 -6.61
CA THR A 424 -12.84 20.09 -5.67
C THR A 424 -13.77 21.24 -5.31
N LYS A 425 -14.26 21.94 -6.33
CA LYS A 425 -15.20 23.04 -6.14
C LYS A 425 -16.38 22.60 -5.27
N GLN A 426 -16.98 21.48 -5.62
CA GLN A 426 -18.15 20.97 -4.92
C GLN A 426 -17.88 20.69 -3.45
N ILE A 427 -16.83 19.93 -3.19
CA ILE A 427 -16.52 19.57 -1.82
C ILE A 427 -16.20 20.80 -0.99
N GLN A 428 -15.50 21.76 -1.59
CA GLN A 428 -15.20 23.02 -0.90
C GLN A 428 -16.49 23.67 -0.38
N GLN A 429 -17.45 23.84 -1.29
CA GLN A 429 -18.72 24.48 -0.96
C GLN A 429 -19.42 23.76 0.18
N VAL A 430 -19.63 22.46 -0.01
CA VAL A 430 -20.19 21.62 1.03
C VAL A 430 -19.44 21.81 2.36
N PHE A 431 -18.11 21.84 2.31
CA PHE A 431 -17.39 22.05 3.57
C PHE A 431 -17.81 23.38 4.22
N ASP A 432 -17.86 24.43 3.40
CA ASP A 432 -18.22 25.75 3.91
C ASP A 432 -19.65 25.82 4.46
N LEU A 433 -20.57 25.08 3.84
CA LEU A 433 -21.94 24.98 4.34
C LEU A 433 -22.08 24.17 5.64
N TYR A 434 -21.26 23.14 5.85
CA TYR A 434 -21.52 22.22 6.94
C TYR A 434 -20.45 22.11 8.02
N LYS A 435 -19.31 22.78 7.86
CA LYS A 435 -18.31 22.71 8.90
C LYS A 435 -18.92 23.11 10.26
N GLN A 436 -18.58 22.36 11.30
CA GLN A 436 -19.01 22.69 12.66
C GLN A 436 -20.49 22.40 12.88
N LYS A 437 -21.22 22.18 11.78
CA LYS A 437 -22.58 21.70 11.90
C LYS A 437 -22.58 20.31 12.56
N ASN A 438 -23.76 19.87 12.96
CA ASN A 438 -23.89 18.59 13.63
C ASN A 438 -23.70 17.43 12.65
N ALA A 439 -22.92 16.43 13.05
CA ALA A 439 -22.60 15.30 12.17
C ALA A 439 -23.76 14.30 11.99
N SER A 440 -24.56 14.10 13.05
CA SER A 440 -25.74 13.25 12.98
C SER A 440 -26.80 13.81 12.02
N ILE A 441 -27.03 15.11 12.10
CA ILE A 441 -27.93 15.80 11.17
C ILE A 441 -27.37 15.65 9.75
N PHE A 442 -26.04 15.74 9.66
CA PHE A 442 -25.36 15.59 8.39
C PHE A 442 -25.58 14.22 7.78
N LEU A 443 -25.31 13.18 8.56
CA LEU A 443 -25.52 11.82 8.10
C LEU A 443 -26.93 11.60 7.57
N LYS A 444 -27.92 11.98 8.37
CA LYS A 444 -29.30 11.77 7.97
C LYS A 444 -29.61 12.50 6.68
N LEU A 445 -29.07 13.70 6.53
CA LEU A 445 -29.24 14.47 5.31
C LEU A 445 -28.74 13.68 4.13
N VAL A 446 -27.55 13.11 4.29
CA VAL A 446 -26.92 12.34 3.23
C VAL A 446 -27.76 11.12 2.89
N MET A 447 -28.21 10.42 3.93
CA MET A 447 -28.99 9.20 3.77
C MET A 447 -30.36 9.39 3.12
N ASP A 448 -30.82 10.63 3.04
CA ASP A 448 -32.13 10.87 2.46
C ASP A 448 -32.05 11.13 0.96
N TYR A 449 -30.89 11.60 0.51
CA TYR A 449 -30.63 11.86 -0.90
C TYR A 449 -31.27 10.86 -1.88
N PRO A 450 -31.00 9.55 -1.68
CA PRO A 450 -31.49 8.55 -2.64
C PRO A 450 -33.00 8.61 -2.79
N ASN A 451 -33.68 8.87 -1.68
CA ASN A 451 -35.13 8.95 -1.67
C ASN A 451 -35.58 10.31 -2.17
N SER A 452 -34.90 11.36 -1.71
CA SER A 452 -35.27 12.73 -2.02
C SER A 452 -35.61 13.01 -3.49
N LYS A 453 -36.26 14.15 -3.71
CA LYS A 453 -36.63 14.57 -5.04
C LYS A 453 -35.41 14.79 -5.93
N TYR A 454 -34.31 15.21 -5.28
CA TYR A 454 -33.11 15.68 -6.00
C TYR A 454 -32.32 14.54 -6.65
N MET A 455 -32.70 13.31 -6.29
CA MET A 455 -31.99 12.12 -6.73
C MET A 455 -31.79 12.06 -8.24
N GLU A 456 -32.73 12.61 -8.99
CA GLU A 456 -32.68 12.49 -10.45
C GLU A 456 -31.56 13.27 -11.14
N ASP A 457 -31.53 14.59 -10.97
CA ASP A 457 -30.53 15.40 -11.67
C ASP A 457 -29.64 16.20 -10.73
N TYR A 458 -29.33 15.60 -9.58
CA TYR A 458 -28.34 16.15 -8.67
C TYR A 458 -27.43 15.03 -8.16
N THR A 459 -26.12 15.30 -8.13
CA THR A 459 -25.19 14.42 -7.45
C THR A 459 -25.37 14.63 -5.96
N LEU A 460 -24.83 13.73 -5.15
CA LEU A 460 -24.97 13.91 -3.71
C LEU A 460 -24.44 15.27 -3.26
N LEU A 461 -23.27 15.68 -3.74
CA LEU A 461 -22.70 16.95 -3.29
C LEU A 461 -23.55 18.14 -3.69
N GLU A 462 -24.10 18.10 -4.90
CA GLU A 462 -24.96 19.18 -5.42
C GLU A 462 -26.21 19.33 -4.58
N TYR A 463 -26.82 18.19 -4.28
CA TYR A 463 -27.95 18.08 -3.39
C TYR A 463 -27.66 18.69 -2.03
N LEU A 464 -26.46 18.46 -1.52
CA LEU A 464 -26.12 19.03 -0.22
C LEU A 464 -25.96 20.56 -0.35
N ILE A 465 -25.39 21.00 -1.45
CA ILE A 465 -25.27 22.43 -1.73
C ILE A 465 -26.64 23.09 -1.84
N GLU A 466 -27.54 22.48 -2.60
CA GLU A 466 -28.89 23.00 -2.76
C GLU A 466 -29.61 23.19 -1.42
N LEU A 467 -29.39 22.26 -0.50
CA LEU A 467 -30.03 22.33 0.82
C LEU A 467 -29.26 23.24 1.78
N GLY A 468 -28.00 23.52 1.46
CA GLY A 468 -27.21 24.39 2.29
C GLY A 468 -27.42 25.84 1.92
N LYS A 469 -27.76 26.10 0.66
CA LYS A 469 -28.06 27.44 0.17
C LYS A 469 -29.51 27.81 0.49
N GLU A 470 -30.39 26.82 0.40
CA GLU A 470 -31.81 26.99 0.67
C GLU A 470 -32.07 27.69 2.02
N LYS A 471 -31.09 27.62 2.93
CA LYS A 471 -31.19 28.27 4.23
C LYS A 471 -31.04 29.78 4.13
N ALA A 472 -31.44 30.35 3.00
CA ALA A 472 -31.31 31.78 2.76
C ALA A 472 -31.74 32.14 1.35
OAA 0RR B . -8.95 3.56 -4.79
CAS 0RR B . -7.97 3.69 -5.60
OAD 0RR B . -7.01 2.89 -5.72
CAO 0RR B . -7.88 4.90 -6.54
CAP 0RR B . -8.27 6.29 -5.99
NBE 0RR B . -8.00 7.16 -7.15
CAX 0RR B . -6.70 7.55 -7.32
OAB 0RR B . -5.87 7.22 -6.47
CAZ 0RR B . -8.81 7.58 -8.13
SAE 0RR B . -10.51 7.26 -8.25
SAR 0RR B . -7.99 8.49 -9.23
CBA 0RR B . -6.47 8.34 -8.41
CBB 0RR B . -5.31 8.87 -8.91
CAY 0RR B . -5.26 9.56 -10.07
OAC 0RR B . -6.22 9.85 -10.77
CBC 0RR B . -4.04 8.76 -8.47
CAN 0RR B . -3.46 8.18 -7.39
CAT 0RR B . -2.08 8.27 -7.21
CLF 0RR B . -1.26 7.56 -5.89
CAL 0RR B . -1.29 8.95 -8.13
CAM 0RR B . -1.94 9.52 -9.21
CBD 0RR B . -3.25 9.42 -9.35
NBF 0RR B . -3.99 9.91 -10.34
CAQ 0RR B . -3.38 10.72 -11.49
CAW 0RR B . -2.94 11.97 -11.03
CAU 0RR B . -1.58 12.26 -10.75
CLG 0RR B . -0.30 11.04 -10.98
CAJ 0RR B . -1.22 13.52 -10.29
CAI 0RR B . -2.16 14.51 -10.09
CAK 0RR B . -3.50 14.24 -10.37
CAV 0RR B . -3.88 12.98 -10.84
CLH 0RR B . -5.55 12.65 -11.17
#